data_7SNO
#
_entry.id   7SNO
#
_cell.length_a   154.720
_cell.length_b   154.720
_cell.length_c   45.970
_cell.angle_alpha   90.00
_cell.angle_beta   90.00
_cell.angle_gamma   120.00
#
_symmetry.space_group_name_H-M   'P 62'
#
loop_
_entity.id
_entity.type
_entity.pdbx_description
1 polymer Arylsulfatase
2 branched 6-O-sulfo-alpha-L-galactopyranose-(1-3)-beta-D-galactopyranose-(1-4)-6-O-sulfo-alpha-L-galactopyranose-(1-3)-beta-D-galactopyranose
3 non-polymer DI(HYDROXYETHYL)ETHER
4 non-polymer 1,2-ETHANEDIOL
5 non-polymer 'TETRAETHYLENE GLYCOL'
6 non-polymer 'TRIETHYLENE GLYCOL'
7 non-polymer 'SODIUM ION'
8 water water
#
_entity_poly.entity_id   1
_entity_poly.type   'polypeptide(L)'
_entity_poly.pdbx_seq_one_letter_code
;MKTNLKNNIMKGMAVMPFLSVCVGVAAQQKQMNVIYIMSDDHTSQAIGAYGSRLAVLNPTPTIDELARDGMLFENCFCTN
SISTPSRACIMTGQYSHRNKVLTLDEVLQPDQEYLVDEFHNMGYQTAMIGKWHLGCEPSHFDYYSVFNGHGGQGEYFDPT
FLTSDVTDKKWPNNQIKKMGYSSDIVTNLAIDWLKNRRDKSKPFFMMHHYKAPNDMFEYAPRYEYYLDDVEVPVPLSLFD
TDKWGSEGTRGKNDSLRHFIGTSVSSRHEIRNYVMEYKCNTGDEMENTYLAYQHYLKSYLRCVKGVDDNLKRLFDYLKKE
GLWENTIIVYTGDQGMMLGEHDLQDKRWMYEESQRMPFIVRDPRCPYKGAKSDLMINNIDFAPTLIEMVGGKEPSYMDGK
SFASVFEGKKPENWKDAVYYRYWMHMIHHDVPAHIGIRTENYKLILFYGRHYDDKRYGQKSMSWLKNSHKIVPTLVSFEL
YDVKNDPYEMVNLADNPKYAKVLKDMKKKLRELRKQVGDTDEAYPELKKVIDKALR
;
_entity_poly.pdbx_strand_id   A
#
loop_
_chem_comp.id
_chem_comp.type
_chem_comp.name
_chem_comp.formula
EDO non-polymer 1,2-ETHANEDIOL 'C2 H6 O2'
GAL D-saccharide, beta linking beta-D-galactopyranose 'C6 H12 O6'
L6S L-saccharide, alpha linking 6-O-sulfo-alpha-L-galactopyranose 'C6 H12 O9 S'
NA non-polymer 'SODIUM ION' 'Na 1'
PEG non-polymer DI(HYDROXYETHYL)ETHER 'C4 H10 O3'
PG4 non-polymer 'TETRAETHYLENE GLYCOL' 'C8 H18 O5'
PGE non-polymer 'TRIETHYLENE GLYCOL' 'C6 H14 O4'
#
# COMPACT_ATOMS: atom_id res chain seq x y z
N GLN A 31 -9.71 -19.72 -21.58
CA GLN A 31 -8.89 -18.63 -21.08
C GLN A 31 -9.48 -18.01 -19.83
N MET A 32 -8.63 -17.76 -18.84
CA MET A 32 -9.07 -17.32 -17.51
C MET A 32 -9.40 -15.82 -17.49
N ASN A 33 -10.57 -15.48 -16.97
CA ASN A 33 -10.84 -14.09 -16.61
C ASN A 33 -10.00 -13.68 -15.41
N VAL A 34 -9.77 -12.37 -15.26
CA VAL A 34 -9.06 -11.84 -14.10
C VAL A 34 -9.79 -10.61 -13.53
N ILE A 35 -9.98 -10.61 -12.19
CA ILE A 35 -10.43 -9.44 -11.46
C ILE A 35 -9.39 -9.18 -10.38
N TYR A 36 -8.66 -8.10 -10.54
CA TYR A 36 -7.64 -7.65 -9.61
C TYR A 36 -8.30 -6.60 -8.70
N ILE A 37 -8.49 -6.95 -7.42
CA ILE A 37 -9.19 -6.10 -6.47
C ILE A 37 -8.18 -5.49 -5.52
N MET A 38 -8.17 -4.16 -5.45
CA MET A 38 -7.22 -3.49 -4.56
C MET A 38 -7.91 -2.35 -3.82
N SER A 39 -7.77 -2.34 -2.50
CA SER A 39 -8.37 -1.33 -1.64
C SER A 39 -7.31 -0.35 -1.16
N ASP A 40 -7.72 0.89 -1.02
CA ASP A 40 -6.83 1.96 -0.59
C ASP A 40 -6.49 1.82 0.90
N ASP A 41 -5.21 1.63 1.23
CA ASP A 41 -4.74 1.61 2.61
C ASP A 41 -5.31 0.46 3.43
N HIS A 42 -5.79 -0.61 2.81
CA HIS A 42 -6.28 -1.72 3.61
C HIS A 42 -5.06 -2.52 4.07
N THR A 43 -4.69 -2.38 5.34
CA THR A 43 -3.43 -2.91 5.83
C THR A 43 -3.58 -4.31 6.39
N SER A 44 -2.47 -5.03 6.46
CA SER A 44 -2.55 -6.44 6.81
C SER A 44 -3.11 -6.66 8.22
N GLN A 45 -2.86 -5.74 9.18
CA GLN A 45 -3.42 -5.95 10.52
C GLN A 45 -4.94 -6.04 10.47
N ALA A 46 -5.55 -5.41 9.48
CA ALA A 46 -6.98 -5.24 9.41
C ALA A 46 -7.64 -6.31 8.57
N ILE A 47 -7.01 -7.49 8.42
CA ILE A 47 -7.64 -8.61 7.73
C ILE A 47 -7.57 -9.82 8.66
N GLY A 48 -8.72 -10.38 8.98
CA GLY A 48 -8.76 -11.49 9.91
C GLY A 48 -7.78 -12.58 9.57
N ALA A 49 -7.71 -12.96 8.29
CA ALA A 49 -6.86 -14.09 7.93
C ALA A 49 -5.39 -13.86 8.26
N TYR A 50 -4.94 -12.64 8.52
CA TYR A 50 -3.52 -12.44 8.83
C TYR A 50 -3.23 -12.50 10.33
N GLY A 51 -4.25 -12.69 11.17
CA GLY A 51 -4.05 -13.07 12.56
C GLY A 51 -3.37 -12.05 13.45
N SER A 52 -3.57 -10.77 13.18
CA SER A 52 -3.06 -9.74 14.07
C SER A 52 -3.93 -9.64 15.33
N ARG A 53 -3.54 -8.73 16.23
CA ARG A 53 -4.31 -8.45 17.43
C ARG A 53 -5.75 -8.07 17.11
N LEU A 54 -6.01 -7.58 15.90
CA LEU A 54 -7.35 -7.19 15.45
C LEU A 54 -8.18 -8.36 14.93
N ALA A 55 -7.57 -9.52 14.67
CA ALA A 55 -8.33 -10.65 14.13
C ALA A 55 -9.47 -11.04 15.03
N VAL A 56 -9.31 -10.88 16.36
CA VAL A 56 -10.37 -11.29 17.26
C VAL A 56 -11.66 -10.55 16.99
N LEU A 57 -11.60 -9.40 16.30
CA LEU A 57 -12.81 -8.66 15.98
C LEU A 57 -13.53 -9.16 14.74
N ASN A 58 -12.99 -10.15 14.03
CA ASN A 58 -13.59 -10.66 12.80
C ASN A 58 -13.82 -9.52 11.81
N PRO A 59 -12.80 -8.73 11.51
CA PRO A 59 -13.01 -7.51 10.70
C PRO A 59 -13.34 -7.78 9.23
N THR A 60 -13.02 -8.95 8.67
CA THR A 60 -13.18 -9.21 7.24
C THR A 60 -13.61 -10.65 6.98
N PRO A 61 -14.85 -11.01 7.33
CA PRO A 61 -15.26 -12.41 7.11
C PRO A 61 -15.25 -12.80 5.63
N THR A 62 -15.59 -11.89 4.72
CA THR A 62 -15.68 -12.28 3.30
C THR A 62 -14.30 -12.52 2.72
N ILE A 63 -13.35 -11.63 3.01
CA ILE A 63 -11.96 -11.81 2.56
C ILE A 63 -11.35 -13.04 3.22
N ASP A 64 -11.62 -13.27 4.50
CA ASP A 64 -11.10 -14.49 5.12
C ASP A 64 -11.63 -15.74 4.41
N GLU A 65 -12.91 -15.70 3.99
CA GLU A 65 -13.48 -16.81 3.23
C GLU A 65 -12.78 -16.98 1.88
N LEU A 66 -12.56 -15.88 1.17
CA LEU A 66 -11.76 -15.91 -0.05
C LEU A 66 -10.44 -16.64 0.20
N ALA A 67 -9.71 -16.22 1.24
CA ALA A 67 -8.43 -16.85 1.59
C ALA A 67 -8.61 -18.34 1.86
N ARG A 68 -9.68 -18.71 2.56
CA ARG A 68 -9.90 -20.12 2.87
C ARG A 68 -10.05 -20.94 1.60
N ASP A 69 -10.53 -20.32 0.51
CA ASP A 69 -10.63 -21.02 -0.78
C ASP A 69 -9.60 -20.50 -1.78
N GLY A 70 -8.45 -20.06 -1.30
CA GLY A 70 -7.43 -19.47 -2.15
C GLY A 70 -6.06 -19.62 -1.51
N MET A 71 -5.15 -18.72 -1.84
CA MET A 71 -3.80 -18.76 -1.31
C MET A 71 -3.45 -17.40 -0.73
N LEU A 72 -2.90 -17.41 0.49
CA LEU A 72 -2.58 -16.20 1.21
C LEU A 72 -1.06 -16.03 1.23
N PHE A 73 -0.59 -14.84 0.88
CA PHE A 73 0.84 -14.58 0.82
C PHE A 73 1.29 -13.82 2.06
N GLU A 74 2.17 -14.46 2.84
CA GLU A 74 2.59 -13.90 4.12
C GLU A 74 3.63 -12.77 3.96
N ASN A 75 4.44 -12.80 2.90
CA ASN A 75 5.60 -11.92 2.79
C ASN A 75 5.55 -11.12 1.48
N CYS A 76 4.48 -10.36 1.32
CA CYS A 76 4.29 -9.50 0.14
C CYS A 76 4.57 -8.05 0.56
N PHE A 77 5.48 -7.39 -0.14
CA PHE A 77 5.94 -6.09 0.33
C PHE A 77 5.78 -5.04 -0.76
N CYS A 78 5.21 -3.89 -0.39
CA CYS A 78 5.33 -2.70 -1.22
C CYS A 78 6.80 -2.27 -1.31
N THR A 79 7.20 -1.69 -2.45
CA THR A 79 8.57 -1.19 -2.59
C THR A 79 8.68 0.30 -2.26
N ASN A 80 7.56 0.97 -2.04
CA ASN A 80 7.50 2.42 -1.88
C ASN A 80 6.08 2.74 -1.44
N SER A 81 5.87 2.90 -0.14
CA SER A 81 4.53 2.79 0.44
C SER A 81 3.81 4.15 0.45
N ILE A 82 3.39 4.56 -0.74
CA ILE A 82 2.30 5.52 -0.92
C ILE A 82 1.55 5.15 -2.19
N SER A 83 0.38 5.77 -2.37
CA SER A 83 -0.60 5.29 -3.32
C SER A 83 -0.09 5.38 -4.76
N THR A 84 0.21 6.59 -5.24
CA THR A 84 0.60 6.74 -6.64
C THR A 84 1.85 5.94 -7.00
N PRO A 85 2.94 5.97 -6.23
CA PRO A 85 4.10 5.14 -6.61
C PRO A 85 3.77 3.66 -6.59
N SER A 86 3.02 3.18 -5.59
CA SER A 86 2.72 1.76 -5.59
C SER A 86 1.87 1.37 -6.79
N ARG A 87 0.95 2.26 -7.19
CA ARG A 87 0.08 1.95 -8.33
C ARG A 87 0.85 1.99 -9.65
N ALA A 88 1.89 2.84 -9.72
CA ALA A 88 2.79 2.82 -10.87
C ALA A 88 3.62 1.54 -10.90
N CYS A 89 4.21 1.17 -9.76
CA CYS A 89 4.91 -0.10 -9.69
C CYS A 89 4.01 -1.24 -10.14
N ILE A 90 2.76 -1.22 -9.73
CA ILE A 90 1.88 -2.33 -10.07
C ILE A 90 1.62 -2.35 -11.57
N MET A 91 1.34 -1.17 -12.15
CA MET A 91 0.99 -1.10 -13.57
C MET A 91 2.18 -1.40 -14.48
N THR A 92 3.40 -1.00 -14.07
CA THR A 92 4.58 -1.13 -14.92
C THR A 92 5.43 -2.35 -14.63
N GLY A 93 5.28 -2.98 -13.47
CA GLY A 93 6.21 -4.01 -13.08
C GLY A 93 7.62 -3.51 -12.86
N GLN A 94 7.80 -2.20 -12.71
CA GLN A 94 9.13 -1.62 -12.52
C GLN A 94 9.19 -0.84 -11.21
N TYR A 95 10.41 -0.74 -10.68
CA TYR A 95 10.68 0.08 -9.50
C TYR A 95 10.41 1.55 -9.82
N SER A 96 10.12 2.29 -8.75
CA SER A 96 9.88 3.73 -8.87
C SER A 96 11.02 4.45 -9.61
N HIS A 97 12.28 4.09 -9.32
CA HIS A 97 13.39 4.81 -9.95
C HIS A 97 13.49 4.51 -11.44
N ARG A 98 12.89 3.40 -11.89
CA ARG A 98 12.86 3.08 -13.31
C ARG A 98 11.63 3.72 -13.97
N ASN A 99 10.42 3.46 -13.44
CA ASN A 99 9.19 4.03 -14.00
C ASN A 99 9.04 5.52 -13.74
N LYS A 100 9.83 6.08 -12.81
CA LYS A 100 10.02 7.50 -12.50
C LYS A 100 8.90 8.12 -11.68
N VAL A 101 7.91 7.33 -11.26
CA VAL A 101 6.85 7.84 -10.39
C VAL A 101 7.38 7.68 -8.96
N LEU A 102 8.18 8.66 -8.53
CA LEU A 102 8.89 8.54 -7.26
C LEU A 102 7.98 8.76 -6.05
N THR A 103 7.05 9.72 -6.13
CA THR A 103 6.24 10.17 -4.98
C THR A 103 4.81 10.43 -5.43
N LEU A 104 4.01 10.99 -4.53
CA LEU A 104 2.68 11.46 -4.90
C LEU A 104 2.73 12.66 -5.82
N ASP A 105 3.89 13.27 -6.01
CA ASP A 105 4.00 14.47 -6.84
C ASP A 105 4.18 14.14 -8.31
N GLU A 106 4.38 12.88 -8.66
CA GLU A 106 4.65 12.51 -10.05
C GLU A 106 3.45 11.77 -10.65
N VAL A 107 3.39 11.74 -11.98
CA VAL A 107 2.28 11.09 -12.68
C VAL A 107 2.82 10.03 -13.63
N LEU A 108 1.99 9.05 -13.94
CA LEU A 108 2.27 8.09 -14.98
C LEU A 108 1.97 8.70 -16.36
N GLN A 109 2.62 8.13 -17.40
CA GLN A 109 2.23 8.40 -18.77
C GLN A 109 1.35 7.27 -19.29
N PRO A 110 0.37 7.56 -20.14
CA PRO A 110 -0.46 6.46 -20.67
C PRO A 110 0.35 5.39 -21.37
N ASP A 111 1.45 5.80 -22.02
CA ASP A 111 2.41 4.88 -22.64
C ASP A 111 2.93 3.84 -21.67
N GLN A 112 2.77 4.04 -20.38
CA GLN A 112 3.31 3.16 -19.35
C GLN A 112 2.27 2.19 -18.80
N GLU A 113 1.12 2.06 -19.45
CA GLU A 113 0.05 1.23 -18.91
C GLU A 113 0.27 -0.22 -19.34
N TYR A 114 1.42 -0.76 -18.93
CA TYR A 114 1.97 -1.97 -19.56
C TYR A 114 1.16 -3.21 -19.21
N LEU A 115 0.71 -3.31 -17.94
CA LEU A 115 -0.10 -4.46 -17.54
C LEU A 115 -1.36 -4.57 -18.40
N VAL A 116 -2.04 -3.45 -18.61
CA VAL A 116 -3.27 -3.53 -19.40
C VAL A 116 -2.95 -3.76 -20.86
N ASP A 117 -1.84 -3.18 -21.36
CA ASP A 117 -1.38 -3.47 -22.72
C ASP A 117 -1.13 -4.96 -22.93
N GLU A 118 -0.54 -5.60 -21.94
CA GLU A 118 -0.20 -7.00 -22.09
C GLU A 118 -1.45 -7.84 -22.12
N PHE A 119 -2.46 -7.49 -21.28
CA PHE A 119 -3.74 -8.23 -21.38
C PHE A 119 -4.49 -7.92 -22.67
N HIS A 120 -4.45 -6.67 -23.14
CA HIS A 120 -5.00 -6.38 -24.45
C HIS A 120 -4.35 -7.29 -25.50
N ASN A 121 -3.02 -7.36 -25.48
CA ASN A 121 -2.30 -8.11 -26.50
C ASN A 121 -2.63 -9.59 -26.45
N MET A 122 -3.11 -10.10 -25.33
CA MET A 122 -3.51 -11.50 -25.26
C MET A 122 -4.96 -11.71 -25.70
N GLY A 123 -5.64 -10.64 -26.13
CA GLY A 123 -7.02 -10.74 -26.59
C GLY A 123 -8.09 -10.45 -25.55
N TYR A 124 -7.75 -9.84 -24.42
CA TYR A 124 -8.73 -9.56 -23.37
C TYR A 124 -9.41 -8.22 -23.61
N GLN A 125 -10.69 -8.14 -23.22
CA GLN A 125 -11.33 -6.85 -23.01
C GLN A 125 -10.95 -6.34 -21.62
N THR A 126 -10.76 -5.04 -21.50
CA THR A 126 -10.18 -4.49 -20.27
C THR A 126 -11.04 -3.39 -19.68
N ALA A 127 -11.06 -3.33 -18.34
CA ALA A 127 -11.89 -2.38 -17.60
C ALA A 127 -11.15 -1.88 -16.37
N MET A 128 -11.16 -0.57 -16.18
CA MET A 128 -10.59 0.09 -15.00
C MET A 128 -11.73 0.71 -14.21
N ILE A 129 -11.91 0.26 -12.96
CA ILE A 129 -13.04 0.63 -12.11
C ILE A 129 -12.50 1.19 -10.79
N GLY A 130 -12.86 2.43 -10.46
CA GLY A 130 -12.60 2.90 -9.10
C GLY A 130 -11.49 3.93 -8.96
N LYS A 131 -10.67 3.79 -7.92
CA LYS A 131 -9.57 4.75 -7.70
C LYS A 131 -8.43 4.47 -8.68
N TRP A 132 -8.05 5.48 -9.46
CA TRP A 132 -6.95 5.38 -10.41
C TRP A 132 -5.68 5.98 -9.80
N HIS A 133 -5.71 7.29 -9.59
CA HIS A 133 -4.70 8.00 -8.83
C HIS A 133 -3.33 7.94 -9.49
N LEU A 134 -3.31 7.77 -10.82
CA LEU A 134 -2.07 7.71 -11.58
C LEU A 134 -1.86 8.94 -12.43
N GLY A 135 -2.78 9.91 -12.39
CA GLY A 135 -2.56 11.21 -12.98
C GLY A 135 -2.90 11.31 -14.46
N CYS A 136 -2.78 10.23 -15.21
CA CYS A 136 -3.08 10.27 -16.63
C CYS A 136 -4.40 9.54 -16.92
N GLU A 137 -4.88 9.73 -18.14
CA GLU A 137 -6.10 9.04 -18.53
C GLU A 137 -5.83 7.53 -18.61
N PRO A 138 -6.74 6.69 -18.12
CA PRO A 138 -6.61 5.24 -18.34
C PRO A 138 -6.98 4.85 -19.77
N SER A 139 -6.41 5.57 -20.73
CA SER A 139 -6.84 5.44 -22.12
C SER A 139 -6.49 4.08 -22.72
N HIS A 140 -5.55 3.34 -22.15
CA HIS A 140 -5.27 2.03 -22.71
C HIS A 140 -6.30 0.98 -22.32
N PHE A 141 -7.24 1.33 -21.45
CA PHE A 141 -8.34 0.44 -21.13
C PHE A 141 -9.46 0.58 -22.16
N ASP A 142 -10.17 -0.52 -22.40
CA ASP A 142 -11.38 -0.46 -23.20
C ASP A 142 -12.46 0.38 -22.52
N TYR A 143 -12.59 0.27 -21.19
CA TYR A 143 -13.58 1.00 -20.42
C TYR A 143 -12.95 1.46 -19.12
N TYR A 144 -13.24 2.69 -18.71
CA TYR A 144 -12.87 3.10 -17.36
C TYR A 144 -13.96 3.96 -16.75
N SER A 145 -13.97 3.94 -15.42
CA SER A 145 -14.85 4.78 -14.63
C SER A 145 -14.14 4.97 -13.30
N VAL A 146 -13.48 6.11 -13.14
CA VAL A 146 -12.53 6.27 -12.06
C VAL A 146 -12.79 7.58 -11.34
N PHE A 147 -12.52 7.59 -10.03
CA PHE A 147 -12.67 8.78 -9.22
C PHE A 147 -11.84 9.93 -9.77
N ASN A 148 -12.43 11.13 -9.80
CA ASN A 148 -11.66 12.30 -10.19
C ASN A 148 -11.53 13.37 -9.11
N GLY A 149 -12.46 13.42 -8.16
CA GLY A 149 -12.42 14.47 -7.15
C GLY A 149 -11.15 14.45 -6.31
N HIS A 150 -10.92 15.58 -5.64
CA HIS A 150 -9.78 15.77 -4.75
C HIS A 150 -8.53 15.09 -5.30
N GLY A 151 -8.23 15.41 -6.56
CA GLY A 151 -6.97 15.03 -7.19
C GLY A 151 -6.77 13.55 -7.39
N GLY A 152 -7.85 12.78 -7.58
CA GLY A 152 -7.76 11.35 -7.79
C GLY A 152 -8.20 10.51 -6.61
N GLN A 153 -8.28 11.10 -5.41
CA GLN A 153 -8.76 10.38 -4.23
C GLN A 153 -10.26 10.11 -4.28
N GLY A 154 -11.02 10.93 -5.00
CA GLY A 154 -12.47 10.77 -4.98
C GLY A 154 -13.09 11.13 -3.64
N GLU A 155 -14.42 11.17 -3.59
CA GLU A 155 -15.17 11.50 -2.39
C GLU A 155 -15.87 10.27 -1.85
N TYR A 156 -16.09 10.26 -0.53
CA TYR A 156 -16.75 9.12 0.11
C TYR A 156 -18.25 9.12 -0.11
N PHE A 157 -18.87 10.28 -0.27
CA PHE A 157 -20.30 10.36 -0.57
C PHE A 157 -20.54 11.09 -1.88
N ASP A 158 -21.52 10.62 -2.64
CA ASP A 158 -21.89 11.20 -3.92
C ASP A 158 -20.69 11.46 -4.84
N PRO A 159 -19.83 10.46 -5.04
CA PRO A 159 -18.64 10.66 -5.87
C PRO A 159 -18.97 10.97 -7.33
N THR A 160 -18.09 11.74 -7.95
CA THR A 160 -18.09 11.91 -9.38
C THR A 160 -17.07 10.97 -9.99
N PHE A 161 -17.28 10.58 -11.23
CA PHE A 161 -16.32 9.72 -11.94
C PHE A 161 -16.06 10.28 -13.32
N LEU A 162 -14.90 9.91 -13.83
CA LEU A 162 -14.55 10.12 -15.23
C LEU A 162 -14.70 8.78 -15.94
N THR A 163 -15.37 8.79 -17.08
CA THR A 163 -15.74 7.54 -17.73
C THR A 163 -15.59 7.67 -19.24
N SER A 164 -15.00 6.63 -19.84
CA SER A 164 -14.93 6.55 -21.30
C SER A 164 -16.29 6.61 -21.97
N ASP A 165 -17.39 6.50 -21.21
CA ASP A 165 -18.72 6.58 -21.81
C ASP A 165 -19.15 8.01 -22.12
N VAL A 166 -18.75 8.99 -21.30
CA VAL A 166 -18.99 10.40 -21.60
C VAL A 166 -18.09 10.80 -22.76
N THR A 167 -18.62 10.78 -23.97
CA THR A 167 -17.79 11.05 -25.15
C THR A 167 -17.93 12.46 -25.69
N ASP A 168 -18.99 13.18 -25.33
CA ASP A 168 -19.14 14.56 -25.76
C ASP A 168 -18.14 15.50 -25.06
N LYS A 169 -17.34 14.99 -24.13
CA LYS A 169 -16.31 15.78 -23.47
C LYS A 169 -15.00 15.01 -23.43
N LYS A 170 -13.90 15.74 -23.54
CA LYS A 170 -12.57 15.14 -23.52
C LYS A 170 -12.07 15.04 -22.08
N TRP A 171 -11.30 13.97 -21.82
CA TRP A 171 -10.72 13.81 -20.49
C TRP A 171 -9.98 15.09 -20.13
N PRO A 172 -9.97 15.51 -18.85
CA PRO A 172 -10.56 14.83 -17.69
C PRO A 172 -11.92 15.40 -17.33
N ASN A 173 -12.69 15.80 -18.32
CA ASN A 173 -13.97 16.44 -18.05
C ASN A 173 -15.15 15.55 -18.42
N ASN A 174 -14.88 14.29 -18.79
CA ASN A 174 -15.91 13.33 -19.17
C ASN A 174 -16.49 12.67 -17.90
N GLN A 175 -17.32 13.44 -17.21
CA GLN A 175 -17.65 13.19 -15.82
C GLN A 175 -19.12 12.83 -15.66
N ILE A 176 -19.37 11.89 -14.75
CA ILE A 176 -20.69 11.53 -14.26
C ILE A 176 -20.71 11.69 -12.74
N LYS A 177 -21.89 11.59 -12.15
CA LYS A 177 -22.01 11.67 -10.70
C LYS A 177 -22.97 10.60 -10.20
N LYS A 178 -22.66 10.00 -9.06
CA LYS A 178 -23.50 8.96 -8.47
C LYS A 178 -23.80 9.33 -7.03
N MET A 179 -24.99 8.96 -6.55
CA MET A 179 -25.41 9.28 -5.19
C MET A 179 -25.16 8.12 -4.24
N GLY A 180 -24.76 8.45 -3.01
CA GLY A 180 -24.63 7.48 -1.96
C GLY A 180 -23.18 7.17 -1.65
N TYR A 181 -22.98 6.00 -1.01
CA TYR A 181 -21.69 5.66 -0.44
C TYR A 181 -20.72 5.10 -1.48
N SER A 182 -19.49 5.63 -1.50
CA SER A 182 -18.55 5.35 -2.58
C SER A 182 -18.30 3.85 -2.76
N SER A 183 -18.13 3.09 -1.68
CA SER A 183 -17.78 1.69 -1.84
C SER A 183 -18.91 0.89 -2.51
N ASP A 184 -20.17 1.19 -2.14
CA ASP A 184 -21.31 0.54 -2.78
C ASP A 184 -21.39 0.89 -4.27
N ILE A 185 -21.09 2.14 -4.63
CA ILE A 185 -21.15 2.55 -6.03
C ILE A 185 -20.03 1.89 -6.83
N VAL A 186 -18.82 1.82 -6.28
CA VAL A 186 -17.72 1.16 -6.97
C VAL A 186 -18.12 -0.27 -7.31
N THR A 187 -18.64 -0.99 -6.30
CA THR A 187 -19.16 -2.31 -6.58
C THR A 187 -20.20 -2.28 -7.71
N ASN A 188 -21.12 -1.31 -7.68
CA ASN A 188 -22.17 -1.30 -8.70
C ASN A 188 -21.60 -1.09 -10.10
N LEU A 189 -20.57 -0.24 -10.22
CA LEU A 189 -19.93 -0.02 -11.52
C LEU A 189 -19.31 -1.32 -12.05
N ALA A 190 -18.62 -2.06 -11.19
CA ALA A 190 -18.05 -3.32 -11.68
C ALA A 190 -19.15 -4.26 -12.13
N ILE A 191 -20.19 -4.41 -11.31
CA ILE A 191 -21.26 -5.35 -11.65
C ILE A 191 -21.98 -4.94 -12.93
N ASP A 192 -22.25 -3.65 -13.09
CA ASP A 192 -22.93 -3.19 -14.30
C ASP A 192 -22.08 -3.48 -15.53
N TRP A 193 -20.77 -3.24 -15.44
CA TRP A 193 -19.93 -3.59 -16.59
C TRP A 193 -20.03 -5.08 -16.89
N LEU A 194 -19.89 -5.92 -15.85
CA LEU A 194 -19.91 -7.36 -16.11
C LEU A 194 -21.21 -7.78 -16.78
N LYS A 195 -22.32 -7.18 -16.34
CA LYS A 195 -23.66 -7.64 -16.70
C LYS A 195 -24.13 -7.09 -18.03
N ASN A 196 -23.76 -5.85 -18.37
CA ASN A 196 -24.36 -5.17 -19.50
C ASN A 196 -23.36 -4.70 -20.54
N ARG A 197 -22.09 -4.69 -20.25
CA ARG A 197 -21.15 -4.10 -21.17
C ARG A 197 -20.13 -5.07 -21.74
N ARG A 198 -19.78 -6.11 -21.03
CA ARG A 198 -18.69 -6.96 -21.49
C ARG A 198 -19.17 -7.86 -22.60
N ASP A 199 -18.28 -8.08 -23.58
CA ASP A 199 -18.46 -9.05 -24.66
C ASP A 199 -18.29 -10.44 -24.06
N LYS A 200 -19.40 -11.13 -23.81
CA LYS A 200 -19.31 -12.42 -23.12
C LYS A 200 -18.59 -13.49 -23.93
N SER A 201 -18.17 -13.19 -25.16
CA SER A 201 -17.42 -14.15 -25.96
C SER A 201 -15.92 -14.04 -25.77
N LYS A 202 -15.45 -13.00 -25.08
CA LYS A 202 -14.04 -12.78 -24.83
C LYS A 202 -13.75 -12.85 -23.35
N PRO A 203 -12.53 -13.19 -22.97
CA PRO A 203 -12.15 -13.07 -21.56
C PRO A 203 -11.98 -11.61 -21.21
N PHE A 204 -12.15 -11.30 -19.92
CA PHE A 204 -11.96 -9.94 -19.44
C PHE A 204 -10.87 -9.87 -18.38
N PHE A 205 -10.26 -8.69 -18.31
CA PHE A 205 -9.29 -8.31 -17.28
C PHE A 205 -9.77 -7.01 -16.69
N MET A 206 -10.02 -7.01 -15.37
CA MET A 206 -10.59 -5.85 -14.69
C MET A 206 -9.77 -5.52 -13.45
N MET A 207 -9.41 -4.25 -13.31
CA MET A 207 -8.87 -3.74 -12.06
C MET A 207 -9.97 -2.96 -11.35
N HIS A 208 -10.25 -3.38 -10.13
CA HIS A 208 -11.40 -2.94 -9.35
C HIS A 208 -10.83 -2.39 -8.05
N HIS A 209 -10.75 -1.06 -7.96
CA HIS A 209 -9.98 -0.36 -6.92
C HIS A 209 -10.93 0.45 -6.03
N TYR A 210 -11.01 0.07 -4.76
CA TYR A 210 -11.83 0.80 -3.80
C TYR A 210 -11.04 1.94 -3.19
N LYS A 211 -11.71 3.09 -3.04
CA LYS A 211 -11.04 4.21 -2.38
C LYS A 211 -11.06 4.10 -0.86
N ALA A 212 -11.98 3.31 -0.30
CA ALA A 212 -11.94 3.02 1.13
C ALA A 212 -10.88 1.96 1.41
N PRO A 213 -10.41 1.86 2.65
CA PRO A 213 -10.69 2.76 3.78
C PRO A 213 -9.92 4.10 3.73
N ASN A 214 -8.79 4.18 3.02
CA ASN A 214 -8.08 5.46 2.81
C ASN A 214 -7.75 6.09 4.18
N ASP A 215 -7.48 7.39 4.22
CA ASP A 215 -7.23 8.18 5.44
C ASP A 215 -8.50 8.81 6.00
N MET A 216 -9.39 9.27 5.13
CA MET A 216 -10.56 9.99 5.62
C MET A 216 -11.28 9.17 6.68
N PHE A 217 -11.58 7.92 6.37
CA PHE A 217 -12.37 7.04 7.24
C PHE A 217 -13.79 7.58 7.41
N GLU A 218 -14.36 8.14 6.34
CA GLU A 218 -15.76 8.57 6.36
C GLU A 218 -16.63 7.34 6.06
N TYR A 219 -16.96 6.58 7.10
CA TYR A 219 -17.65 5.33 6.86
C TYR A 219 -19.15 5.57 6.61
N ALA A 220 -19.82 4.55 6.07
CA ALA A 220 -21.24 4.68 5.76
C ALA A 220 -22.08 4.70 7.05
N PRO A 221 -23.18 5.46 7.06
CA PRO A 221 -23.95 5.60 8.31
C PRO A 221 -24.45 4.28 8.86
N ARG A 222 -24.66 3.27 8.00
CA ARG A 222 -25.18 2.01 8.52
C ARG A 222 -24.17 1.30 9.43
N TYR A 223 -22.89 1.71 9.44
CA TYR A 223 -21.89 1.11 10.30
C TYR A 223 -21.66 1.93 11.57
N GLU A 224 -22.57 2.85 11.89
CA GLU A 224 -22.33 3.81 12.96
C GLU A 224 -22.09 3.12 14.30
N TYR A 225 -22.81 2.05 14.59
CA TYR A 225 -22.67 1.39 15.88
C TYR A 225 -21.94 0.06 15.77
N TYR A 226 -21.35 -0.22 14.62
CA TYR A 226 -20.45 -1.33 14.49
C TYR A 226 -19.24 -1.10 15.38
N LEU A 227 -18.99 -2.04 16.29
CA LEU A 227 -17.89 -2.00 17.28
C LEU A 227 -18.14 -0.99 18.40
N ASP A 228 -19.38 -0.55 18.59
CA ASP A 228 -19.65 0.47 19.60
C ASP A 228 -19.29 -0.01 21.01
N ASP A 229 -19.54 -1.29 21.30
CA ASP A 229 -19.45 -1.80 22.66
C ASP A 229 -18.16 -2.56 22.93
N VAL A 230 -17.22 -2.56 22.00
CA VAL A 230 -16.00 -3.34 22.13
C VAL A 230 -14.81 -2.40 22.14
N GLU A 231 -13.81 -2.74 22.95
CA GLU A 231 -12.51 -2.10 22.88
C GLU A 231 -11.68 -2.74 21.78
N VAL A 232 -11.07 -1.92 20.94
CA VAL A 232 -10.13 -2.43 19.94
C VAL A 232 -8.80 -2.75 20.65
N PRO A 233 -8.24 -3.95 20.51
CA PRO A 233 -6.93 -4.23 21.11
C PRO A 233 -5.95 -3.13 20.78
N VAL A 234 -5.22 -2.70 21.81
CA VAL A 234 -4.25 -1.61 21.72
C VAL A 234 -2.85 -2.19 21.64
N PRO A 235 -1.99 -1.72 20.75
CA PRO A 235 -0.61 -2.23 20.69
C PRO A 235 0.24 -1.63 21.80
N LEU A 236 1.07 -2.48 22.43
CA LEU A 236 1.98 -1.98 23.47
C LEU A 236 2.84 -0.85 22.93
N SER A 237 3.27 -0.96 21.68
CA SER A 237 4.11 0.02 21.03
C SER A 237 3.45 1.40 20.93
N LEU A 238 2.13 1.50 21.11
CA LEU A 238 1.53 2.83 21.11
C LEU A 238 2.00 3.65 22.31
N PHE A 239 2.32 2.98 23.42
CA PHE A 239 2.71 3.70 24.62
C PHE A 239 4.17 3.48 25.02
N ASP A 240 4.87 2.57 24.37
CA ASP A 240 6.26 2.29 24.69
C ASP A 240 7.05 2.27 23.40
N THR A 241 7.96 3.24 23.22
CA THR A 241 8.85 3.27 22.06
C THR A 241 10.30 3.30 22.52
N ASP A 242 10.54 2.70 23.67
CA ASP A 242 11.80 2.90 24.38
C ASP A 242 13.00 2.43 23.55
N LYS A 243 12.88 1.29 22.86
CA LYS A 243 14.01 0.72 22.16
C LYS A 243 13.88 0.86 20.66
N TRP A 244 12.84 1.55 20.20
CA TRP A 244 12.56 1.72 18.79
C TRP A 244 13.28 2.94 18.23
N GLY A 245 13.70 2.85 16.96
CA GLY A 245 14.06 4.05 16.21
C GLY A 245 15.51 4.44 16.36
N SER A 246 15.81 5.69 16.04
CA SER A 246 17.19 6.13 15.92
C SER A 246 17.22 7.64 15.74
N GLU A 247 18.44 8.16 15.63
CA GLU A 247 18.62 9.60 15.46
C GLU A 247 17.97 10.06 14.17
N GLY A 248 17.88 9.18 13.17
CA GLY A 248 17.24 9.55 11.93
C GLY A 248 15.76 9.77 12.06
N THR A 249 15.12 9.08 13.02
CA THR A 249 13.68 9.18 13.22
C THR A 249 13.29 9.90 14.50
N ARG A 250 14.26 10.27 15.35
CA ARG A 250 13.98 10.87 16.65
C ARG A 250 14.88 12.03 17.01
N GLY A 251 15.95 12.29 16.26
CA GLY A 251 16.95 13.24 16.71
C GLY A 251 17.83 12.70 17.83
N LYS A 252 18.90 13.42 18.12
CA LYS A 252 19.72 13.08 19.26
C LYS A 252 18.94 13.35 20.55
N ASN A 253 18.92 12.36 21.46
CA ASN A 253 18.18 12.48 22.72
C ASN A 253 16.77 13.02 22.50
N ASP A 254 16.13 12.54 21.44
CA ASP A 254 14.74 12.84 21.12
C ASP A 254 14.50 14.32 20.89
N SER A 255 15.53 15.04 20.45
CA SER A 255 15.35 16.46 20.13
C SER A 255 14.33 16.67 19.02
N LEU A 256 14.15 15.69 18.13
CA LEU A 256 13.21 15.81 17.03
C LEU A 256 11.95 14.99 17.26
N ARG A 257 11.73 14.49 18.49
CA ARG A 257 10.61 13.59 18.76
C ARG A 257 9.26 14.22 18.43
N HIS A 258 9.14 15.55 18.53
CA HIS A 258 7.89 16.22 18.20
C HIS A 258 7.86 16.75 16.78
N PHE A 259 8.93 16.50 16.02
CA PHE A 259 9.13 17.01 14.67
C PHE A 259 8.91 15.94 13.59
N ILE A 260 9.35 14.70 13.83
CA ILE A 260 9.33 13.63 12.84
C ILE A 260 8.23 12.64 13.19
N GLY A 261 7.44 12.26 12.18
CA GLY A 261 6.50 11.17 12.33
C GLY A 261 5.19 11.63 12.94
N THR A 262 4.18 11.89 12.11
CA THR A 262 2.85 12.14 12.65
C THR A 262 2.41 10.97 13.52
N SER A 263 1.53 11.25 14.48
CA SER A 263 1.32 10.35 15.60
C SER A 263 -0.16 10.22 15.93
N VAL A 264 -0.49 9.20 16.71
CA VAL A 264 -1.83 9.09 17.26
C VAL A 264 -1.97 9.99 18.49
N SER A 265 -1.00 9.92 19.40
CA SER A 265 -0.99 10.76 20.58
C SER A 265 -0.71 12.21 20.20
N SER A 266 -0.60 13.07 21.22
CA SER A 266 -0.20 14.46 21.05
C SER A 266 1.27 14.63 20.72
N ARG A 267 2.04 13.56 20.58
CA ARG A 267 3.49 13.66 20.38
C ARG A 267 3.85 14.63 19.26
N HIS A 268 3.37 14.39 18.04
CA HIS A 268 3.70 15.26 16.92
C HIS A 268 3.03 16.62 17.09
N GLU A 269 3.82 17.69 17.07
CA GLU A 269 3.25 18.98 17.47
C GLU A 269 2.34 19.62 16.41
N ILE A 270 2.31 19.13 15.17
CA ILE A 270 1.53 19.78 14.13
C ILE A 270 0.32 18.96 13.68
N ARG A 271 0.40 17.64 13.69
CA ARG A 271 -0.68 16.84 13.11
C ARG A 271 -0.73 15.52 13.83
N ASN A 272 -1.82 15.29 14.55
CA ASN A 272 -1.99 14.05 15.30
C ASN A 272 -3.48 13.89 15.58
N TYR A 273 -3.87 12.67 15.95
CA TYR A 273 -5.28 12.36 16.10
C TYR A 273 -5.88 12.86 17.42
N VAL A 274 -5.06 13.12 18.44
CA VAL A 274 -5.58 13.80 19.63
C VAL A 274 -6.05 15.20 19.28
N MET A 275 -5.27 15.90 18.45
CA MET A 275 -5.72 17.17 17.87
C MET A 275 -6.96 16.95 17.01
N GLU A 276 -6.86 16.08 16.01
CA GLU A 276 -7.91 16.00 15.01
C GLU A 276 -9.25 15.62 15.64
N TYR A 277 -9.23 14.71 16.60
CA TYR A 277 -10.46 14.26 17.25
C TYR A 277 -10.85 15.10 18.47
N LYS A 278 -10.03 16.08 18.84
CA LYS A 278 -10.37 17.04 19.87
C LYS A 278 -10.54 16.39 21.25
N CYS A 279 -9.76 15.34 21.54
CA CYS A 279 -9.78 14.74 22.87
C CYS A 279 -9.15 15.69 23.88
N ASN A 280 -9.82 15.88 25.01
CA ASN A 280 -9.30 16.74 26.05
C ASN A 280 -9.80 16.28 27.42
N THR A 281 -9.40 15.06 27.83
CA THR A 281 -9.85 14.48 29.09
C THR A 281 -9.10 14.98 30.32
N GLY A 282 -7.98 15.68 30.15
CA GLY A 282 -7.15 16.05 31.29
C GLY A 282 -6.01 15.09 31.57
N ASP A 283 -5.97 13.93 30.91
CA ASP A 283 -4.87 13.00 31.02
C ASP A 283 -4.43 12.63 29.60
N GLU A 284 -3.16 12.89 29.28
CA GLU A 284 -2.74 12.77 27.88
C GLU A 284 -2.76 11.32 27.42
N MET A 285 -2.40 10.40 28.31
CA MET A 285 -2.47 8.98 27.98
C MET A 285 -3.90 8.55 27.68
N GLU A 286 -4.85 9.02 28.47
CA GLU A 286 -6.25 8.76 28.17
C GLU A 286 -6.63 9.33 26.81
N ASN A 287 -6.18 10.57 26.53
CA ASN A 287 -6.44 11.19 25.23
C ASN A 287 -5.91 10.31 24.10
N THR A 288 -4.68 9.81 24.24
CA THR A 288 -4.13 8.91 23.22
C THR A 288 -5.00 7.69 23.05
N TYR A 289 -5.42 7.10 24.17
CA TYR A 289 -6.26 5.91 24.11
C TYR A 289 -7.54 6.19 23.33
N LEU A 290 -8.22 7.28 23.67
CA LEU A 290 -9.48 7.57 22.98
C LEU A 290 -9.24 7.88 21.50
N ALA A 291 -8.12 8.52 21.17
CA ALA A 291 -7.84 8.78 19.76
C ALA A 291 -7.56 7.48 19.03
N TYR A 292 -6.80 6.58 19.65
CA TYR A 292 -6.60 5.25 19.07
C TYR A 292 -7.93 4.57 18.82
N GLN A 293 -8.84 4.62 19.81
CA GLN A 293 -10.13 3.92 19.69
C GLN A 293 -10.97 4.52 18.57
N HIS A 294 -11.05 5.85 18.48
CA HIS A 294 -11.83 6.44 17.39
C HIS A 294 -11.19 6.16 16.04
N TYR A 295 -9.89 6.42 15.92
CA TYR A 295 -9.14 6.11 14.70
C TYR A 295 -9.45 4.69 14.21
N LEU A 296 -9.25 3.70 15.09
CA LEU A 296 -9.42 2.32 14.69
C LEU A 296 -10.88 1.98 14.38
N LYS A 297 -11.82 2.48 15.18
CA LYS A 297 -13.22 2.13 14.91
C LYS A 297 -13.69 2.72 13.57
N SER A 298 -13.31 3.97 13.29
CA SER A 298 -13.70 4.56 12.00
C SER A 298 -13.09 3.78 10.87
N TYR A 299 -11.78 3.48 10.99
CA TYR A 299 -11.08 2.74 9.96
C TYR A 299 -11.73 1.39 9.73
N LEU A 300 -12.05 0.69 10.80
CA LEU A 300 -12.58 -0.66 10.65
C LEU A 300 -14.01 -0.65 10.11
N ARG A 301 -14.78 0.41 10.40
CA ARG A 301 -16.09 0.54 9.78
C ARG A 301 -15.95 0.72 8.27
N CYS A 302 -14.91 1.43 7.83
CA CYS A 302 -14.65 1.48 6.39
C CYS A 302 -14.25 0.11 5.83
N VAL A 303 -13.39 -0.60 6.55
CA VAL A 303 -13.05 -1.96 6.13
C VAL A 303 -14.32 -2.80 5.98
N LYS A 304 -15.23 -2.68 6.95
CA LYS A 304 -16.42 -3.50 6.94
C LYS A 304 -17.27 -3.19 5.73
N GLY A 305 -17.36 -1.91 5.37
CA GLY A 305 -18.01 -1.56 4.11
C GLY A 305 -17.40 -2.30 2.92
N VAL A 306 -16.08 -2.33 2.86
CA VAL A 306 -15.47 -3.02 1.72
C VAL A 306 -15.79 -4.53 1.76
N ASP A 307 -15.68 -5.15 2.93
CA ASP A 307 -15.91 -6.60 3.02
C ASP A 307 -17.35 -6.96 2.66
N ASP A 308 -18.32 -6.15 3.11
CA ASP A 308 -19.71 -6.34 2.72
C ASP A 308 -19.88 -6.21 1.21
N ASN A 309 -19.23 -5.20 0.61
CA ASN A 309 -19.34 -5.02 -0.84
C ASN A 309 -18.74 -6.20 -1.59
N LEU A 310 -17.65 -6.75 -1.05
CA LEU A 310 -17.06 -7.93 -1.65
C LEU A 310 -18.03 -9.09 -1.62
N LYS A 311 -18.77 -9.24 -0.52
CA LYS A 311 -19.79 -10.29 -0.54
C LYS A 311 -20.77 -10.08 -1.70
N ARG A 312 -21.20 -8.85 -1.93
CA ARG A 312 -22.10 -8.61 -3.05
C ARG A 312 -21.46 -9.05 -4.37
N LEU A 313 -20.23 -8.59 -4.61
CA LEU A 313 -19.53 -8.90 -5.86
C LEU A 313 -19.39 -10.40 -6.07
N PHE A 314 -18.90 -11.11 -5.06
CA PHE A 314 -18.66 -12.54 -5.17
C PHE A 314 -19.96 -13.30 -5.37
N ASP A 315 -21.03 -12.89 -4.68
CA ASP A 315 -22.34 -13.48 -4.91
C ASP A 315 -22.75 -13.34 -6.36
N TYR A 316 -22.56 -12.14 -6.92
CA TYR A 316 -22.90 -11.95 -8.32
C TYR A 316 -22.06 -12.87 -9.21
N LEU A 317 -20.73 -12.84 -9.05
CA LEU A 317 -19.87 -13.70 -9.86
C LEU A 317 -20.33 -15.15 -9.78
N LYS A 318 -20.71 -15.60 -8.58
CA LYS A 318 -21.09 -17.00 -8.45
C LYS A 318 -22.39 -17.28 -9.19
N LYS A 319 -23.40 -16.41 -9.04
CA LYS A 319 -24.65 -16.68 -9.72
C LYS A 319 -24.57 -16.47 -11.23
N GLU A 320 -23.57 -15.73 -11.71
CA GLU A 320 -23.38 -15.51 -13.14
C GLU A 320 -22.56 -16.61 -13.81
N GLY A 321 -22.01 -17.55 -13.05
CA GLY A 321 -21.16 -18.58 -13.63
C GLY A 321 -19.73 -18.17 -13.88
N LEU A 322 -19.25 -17.13 -13.21
CA LEU A 322 -17.89 -16.67 -13.40
C LEU A 322 -16.96 -17.08 -12.28
N TRP A 323 -17.48 -17.65 -11.19
CA TRP A 323 -16.65 -17.96 -10.04
C TRP A 323 -15.57 -18.99 -10.39
N GLU A 324 -15.85 -19.93 -11.28
CA GLU A 324 -14.90 -21.00 -11.48
C GLU A 324 -13.98 -20.76 -12.68
N ASN A 325 -14.13 -19.63 -13.37
CA ASN A 325 -13.24 -19.33 -14.48
C ASN A 325 -12.66 -17.92 -14.36
N THR A 326 -12.58 -17.38 -13.14
CA THR A 326 -12.06 -16.04 -12.94
C THR A 326 -11.03 -16.04 -11.80
N ILE A 327 -9.81 -15.60 -12.11
CA ILE A 327 -8.81 -15.41 -11.08
C ILE A 327 -9.13 -14.15 -10.30
N ILE A 328 -9.11 -14.23 -8.97
CA ILE A 328 -9.42 -13.09 -8.12
C ILE A 328 -8.24 -12.79 -7.21
N VAL A 329 -7.77 -11.55 -7.26
CA VAL A 329 -6.74 -11.04 -6.35
C VAL A 329 -7.40 -10.02 -5.43
N TYR A 330 -7.04 -10.04 -4.14
CA TYR A 330 -7.41 -8.98 -3.22
C TYR A 330 -6.16 -8.47 -2.51
N THR A 331 -5.92 -7.16 -2.60
CA THR A 331 -4.73 -6.57 -2.00
C THR A 331 -5.02 -5.13 -1.58
N GLY A 332 -3.99 -4.46 -1.06
CA GLY A 332 -4.07 -3.03 -0.79
C GLY A 332 -2.82 -2.35 -1.29
N ASP A 333 -2.96 -1.07 -1.67
CA ASP A 333 -1.86 -0.42 -2.39
C ASP A 333 -0.62 -0.30 -1.52
N GLN A 334 -0.79 -0.24 -0.19
CA GLN A 334 0.31 -0.32 0.78
C GLN A 334 -0.32 -0.61 2.13
N GLY A 335 0.51 -0.99 3.09
CA GLY A 335 0.03 -1.12 4.46
C GLY A 335 -0.23 0.25 5.05
N MET A 336 -0.53 0.26 6.36
CA MET A 336 -0.76 1.49 7.08
C MET A 336 -0.46 1.26 8.56
N MET A 337 0.18 2.26 9.18
CA MET A 337 0.45 2.25 10.62
C MET A 337 -0.85 2.51 11.38
N LEU A 338 -1.35 1.51 12.10
CA LEU A 338 -2.55 1.72 12.94
C LEU A 338 -2.15 1.93 14.40
N GLY A 339 -1.36 2.97 14.64
CA GLY A 339 -0.92 3.32 15.97
C GLY A 339 0.30 2.57 16.45
N GLU A 340 0.88 1.68 15.66
CA GLU A 340 2.08 1.01 16.12
C GLU A 340 3.20 2.03 16.22
N HIS A 341 3.94 1.99 17.34
CA HIS A 341 4.97 2.99 17.63
C HIS A 341 4.42 4.40 17.64
N ASP A 342 3.13 4.56 17.92
CA ASP A 342 2.53 5.89 17.91
C ASP A 342 2.74 6.57 16.56
N LEU A 343 2.63 5.79 15.48
CA LEU A 343 2.70 6.31 14.12
C LEU A 343 1.33 6.18 13.43
N GLN A 344 1.11 7.01 12.42
CA GLN A 344 -0.05 6.88 11.54
C GLN A 344 0.38 6.95 10.07
N ASP A 345 -0.59 6.68 9.19
CA ASP A 345 -0.39 6.70 7.74
C ASP A 345 0.62 5.64 7.28
N LYS A 346 1.29 5.88 6.17
CA LYS A 346 2.17 4.84 5.63
C LYS A 346 3.58 5.39 5.41
N ARG A 347 4.16 5.17 4.23
CA ARG A 347 5.45 5.80 3.90
C ARG A 347 6.63 5.12 4.59
N TRP A 348 6.48 4.74 5.85
CA TRP A 348 7.56 4.06 6.56
C TRP A 348 7.79 2.66 6.01
N MET A 349 9.01 2.17 6.17
CA MET A 349 9.30 0.79 5.83
C MET A 349 9.07 -0.17 6.99
N TYR A 350 8.51 0.32 8.10
CA TYR A 350 8.15 -0.57 9.19
C TYR A 350 7.11 -1.59 8.74
N GLU A 351 7.19 -2.77 9.34
CA GLU A 351 6.41 -3.93 8.90
C GLU A 351 4.97 -3.59 8.51
N GLU A 352 4.24 -2.87 9.37
CA GLU A 352 2.82 -2.66 9.10
C GLU A 352 2.60 -1.85 7.83
N SER A 353 3.52 -0.93 7.51
CA SER A 353 3.39 -0.10 6.32
C SER A 353 4.01 -0.78 5.08
N GLN A 354 5.09 -1.53 5.25
CA GLN A 354 5.77 -2.13 4.10
C GLN A 354 5.00 -3.32 3.54
N ARG A 355 4.42 -4.15 4.41
CA ARG A 355 3.72 -5.34 3.98
C ARG A 355 2.36 -5.00 3.40
N MET A 356 2.04 -5.59 2.24
CA MET A 356 0.71 -5.56 1.64
C MET A 356 0.04 -6.88 1.92
N PRO A 357 -1.21 -6.91 2.36
CA PRO A 357 -1.96 -8.17 2.31
C PRO A 357 -2.13 -8.54 0.85
N PHE A 358 -2.07 -9.84 0.56
CA PHE A 358 -2.14 -10.27 -0.84
C PHE A 358 -2.76 -11.66 -0.85
N ILE A 359 -3.93 -11.78 -1.47
CA ILE A 359 -4.58 -13.07 -1.54
C ILE A 359 -5.01 -13.32 -2.98
N VAL A 360 -4.79 -14.55 -3.45
CA VAL A 360 -5.15 -14.93 -4.81
C VAL A 360 -5.94 -16.22 -4.78
N ARG A 361 -7.10 -16.20 -5.40
CA ARG A 361 -7.88 -17.40 -5.63
C ARG A 361 -7.85 -17.67 -7.14
N ASP A 362 -7.13 -18.70 -7.51
CA ASP A 362 -7.14 -19.25 -8.86
C ASP A 362 -7.95 -20.52 -8.82
N PRO A 363 -9.15 -20.57 -9.40
CA PRO A 363 -9.98 -21.77 -9.28
C PRO A 363 -9.25 -23.02 -9.75
N ARG A 364 -8.23 -22.86 -10.60
CA ARG A 364 -7.47 -24.02 -11.05
C ARG A 364 -6.47 -24.50 -10.00
N CYS A 365 -6.06 -23.64 -9.10
CA CYS A 365 -5.05 -24.03 -8.12
C CYS A 365 -5.66 -25.01 -7.13
N PRO A 366 -5.01 -26.12 -6.85
CA PRO A 366 -5.61 -27.12 -5.94
C PRO A 366 -5.33 -26.87 -4.47
N TYR A 367 -4.35 -26.03 -4.16
CA TYR A 367 -3.99 -25.78 -2.76
C TYR A 367 -4.88 -24.67 -2.23
N LYS A 368 -6.01 -25.08 -1.64
CA LYS A 368 -7.03 -24.12 -1.23
C LYS A 368 -6.86 -23.79 0.25
N GLY A 369 -6.93 -22.51 0.58
CA GLY A 369 -6.60 -22.11 1.94
C GLY A 369 -5.15 -22.29 2.29
N ALA A 370 -4.27 -22.27 1.29
CA ALA A 370 -2.84 -22.43 1.53
C ALA A 370 -2.17 -21.08 1.80
N LYS A 371 -0.95 -21.15 2.34
CA LYS A 371 -0.14 -19.99 2.61
C LYS A 371 1.19 -20.15 1.87
N SER A 372 1.74 -19.05 1.38
CA SER A 372 3.07 -19.02 0.79
C SER A 372 3.91 -17.96 1.48
N ASP A 373 5.14 -18.31 1.88
CA ASP A 373 6.03 -17.38 2.53
C ASP A 373 7.01 -16.73 1.55
N LEU A 374 6.83 -16.93 0.26
CA LEU A 374 7.74 -16.37 -0.73
C LEU A 374 7.83 -14.84 -0.61
N MET A 375 9.05 -14.32 -0.74
CA MET A 375 9.30 -12.89 -0.62
C MET A 375 8.91 -12.24 -1.94
N ILE A 376 7.75 -11.56 -2.00
CA ILE A 376 7.31 -10.97 -3.26
C ILE A 376 7.08 -9.46 -3.09
N ASN A 377 7.03 -8.75 -4.23
CA ASN A 377 6.81 -7.31 -4.25
C ASN A 377 5.63 -6.96 -5.16
N ASN A 378 5.10 -5.73 -4.99
CA ASN A 378 4.05 -5.30 -5.90
C ASN A 378 4.55 -5.30 -7.35
N ILE A 379 5.86 -5.08 -7.58
CA ILE A 379 6.36 -5.10 -8.96
C ILE A 379 6.24 -6.48 -9.59
N ASP A 380 6.09 -7.54 -8.78
CA ASP A 380 5.94 -8.88 -9.35
C ASP A 380 4.50 -9.19 -9.77
N PHE A 381 3.54 -8.28 -9.51
CA PHE A 381 2.13 -8.62 -9.75
C PHE A 381 1.84 -8.78 -11.26
N ALA A 382 2.23 -7.79 -12.06
CA ALA A 382 1.94 -7.86 -13.49
C ALA A 382 2.53 -9.09 -14.14
N PRO A 383 3.84 -9.37 -14.02
CA PRO A 383 4.38 -10.57 -14.68
C PRO A 383 3.62 -11.81 -14.26
N THR A 384 3.42 -11.99 -12.96
CA THR A 384 2.70 -13.16 -12.45
C THR A 384 1.32 -13.27 -13.11
N LEU A 385 0.51 -12.22 -13.02
CA LEU A 385 -0.81 -12.28 -13.63
C LEU A 385 -0.71 -12.67 -15.10
N ILE A 386 0.20 -12.04 -15.83
CA ILE A 386 0.31 -12.33 -17.25
C ILE A 386 0.61 -13.81 -17.45
N GLU A 387 1.59 -14.30 -16.73
CA GLU A 387 1.94 -15.70 -16.92
C GLU A 387 0.78 -16.60 -16.48
N MET A 388 0.03 -16.17 -15.47
CA MET A 388 -1.04 -17.02 -14.97
C MET A 388 -2.05 -17.32 -16.06
N VAL A 389 -2.26 -16.40 -17.01
CA VAL A 389 -3.31 -16.64 -17.98
C VAL A 389 -2.75 -17.25 -19.27
N GLY A 390 -1.45 -17.56 -19.26
CA GLY A 390 -0.80 -18.17 -20.40
C GLY A 390 0.23 -17.31 -21.09
N GLY A 391 0.43 -16.07 -20.65
CA GLY A 391 1.39 -15.19 -21.29
C GLY A 391 2.81 -15.49 -20.84
N LYS A 392 3.72 -14.65 -21.30
CA LYS A 392 5.12 -14.74 -20.88
C LYS A 392 5.43 -13.54 -20.00
N GLU A 393 6.25 -13.76 -18.98
CA GLU A 393 6.64 -12.65 -18.13
C GLU A 393 7.35 -11.60 -18.99
N PRO A 394 6.89 -10.35 -18.98
CA PRO A 394 7.50 -9.34 -19.85
C PRO A 394 8.94 -9.07 -19.44
N SER A 395 9.81 -8.95 -20.45
CA SER A 395 11.26 -8.89 -20.22
C SER A 395 11.78 -7.49 -19.96
N TYR A 396 10.98 -6.46 -20.19
CA TYR A 396 11.30 -5.08 -19.85
C TYR A 396 10.86 -4.72 -18.42
N MET A 397 10.41 -5.68 -17.64
CA MET A 397 9.91 -5.41 -16.30
C MET A 397 10.98 -5.75 -15.28
N ASP A 398 10.94 -5.05 -14.14
CA ASP A 398 11.87 -5.32 -13.04
C ASP A 398 11.41 -6.53 -12.23
N GLY A 399 10.09 -6.66 -12.02
CA GLY A 399 9.54 -7.80 -11.32
C GLY A 399 9.51 -9.04 -12.20
N LYS A 400 9.23 -10.17 -11.56
CA LYS A 400 9.24 -11.46 -12.22
C LYS A 400 8.04 -12.25 -11.74
N SER A 401 7.73 -13.33 -12.43
CA SER A 401 6.50 -14.07 -12.21
C SER A 401 6.72 -15.19 -11.20
N PHE A 402 5.93 -15.20 -10.13
CA PHE A 402 5.88 -16.36 -9.24
C PHE A 402 4.67 -17.24 -9.52
N ALA A 403 4.14 -17.22 -10.75
CA ALA A 403 2.97 -18.03 -11.06
C ALA A 403 3.21 -19.51 -10.76
N SER A 404 4.46 -19.96 -10.86
CA SER A 404 4.71 -21.36 -10.56
C SER A 404 4.24 -21.77 -9.16
N VAL A 405 4.14 -20.83 -8.20
CA VAL A 405 3.71 -21.26 -6.87
C VAL A 405 2.30 -21.85 -6.92
N PHE A 406 1.43 -21.32 -7.79
CA PHE A 406 0.07 -21.84 -7.88
C PHE A 406 0.05 -23.26 -8.44
N GLU A 407 1.13 -23.72 -9.07
CA GLU A 407 1.23 -25.12 -9.46
C GLU A 407 2.07 -25.91 -8.49
N GLY A 408 2.44 -25.31 -7.36
CA GLY A 408 3.16 -25.99 -6.31
C GLY A 408 4.67 -26.01 -6.42
N LYS A 409 5.26 -25.11 -7.20
CA LYS A 409 6.71 -25.06 -7.38
C LYS A 409 7.22 -23.66 -7.05
N LYS A 410 8.27 -23.58 -6.26
CA LYS A 410 8.92 -22.29 -6.07
C LYS A 410 9.49 -21.84 -7.41
N PRO A 411 9.40 -20.56 -7.75
CA PRO A 411 10.00 -20.08 -8.99
C PRO A 411 11.51 -20.28 -8.95
N GLU A 412 12.13 -20.16 -10.12
CA GLU A 412 13.55 -20.47 -10.23
C GLU A 412 14.37 -19.29 -9.76
N ASN A 413 15.35 -19.56 -8.89
CA ASN A 413 16.35 -18.54 -8.53
C ASN A 413 15.72 -17.31 -7.88
N TRP A 414 14.59 -17.50 -7.19
CA TRP A 414 13.83 -16.36 -6.68
C TRP A 414 14.55 -15.68 -5.52
N LYS A 415 14.34 -14.37 -5.42
CA LYS A 415 14.95 -13.53 -4.39
C LYS A 415 14.53 -13.97 -2.98
N ASP A 416 15.47 -13.80 -2.03
CA ASP A 416 15.17 -14.04 -0.62
C ASP A 416 15.30 -12.76 0.19
N ALA A 417 15.20 -11.60 -0.47
CA ALA A 417 15.25 -10.31 0.19
C ALA A 417 14.55 -9.32 -0.74
N VAL A 418 13.99 -8.26 -0.16
CA VAL A 418 13.32 -7.23 -0.94
C VAL A 418 13.97 -5.87 -0.67
N TYR A 419 13.94 -5.03 -1.70
CA TYR A 419 14.39 -3.64 -1.66
C TYR A 419 13.23 -2.73 -1.34
N TYR A 420 13.52 -1.60 -0.67
CA TYR A 420 12.51 -0.58 -0.37
C TYR A 420 13.15 0.79 -0.46
N ARG A 421 12.44 1.76 -1.05
CA ARG A 421 12.90 3.15 -0.96
C ARG A 421 11.70 4.08 -0.96
N TYR A 422 11.60 4.91 0.09
CA TYR A 422 10.63 6.00 0.19
C TYR A 422 11.36 7.30 -0.11
N TRP A 423 10.92 7.99 -1.18
CA TRP A 423 11.57 9.18 -1.70
C TRP A 423 11.02 10.49 -1.16
N MET A 424 9.74 10.51 -0.75
CA MET A 424 9.03 11.78 -0.56
C MET A 424 9.37 12.38 0.82
N HIS A 425 10.57 12.96 0.87
CA HIS A 425 11.16 13.40 2.13
C HIS A 425 10.28 14.44 2.83
N MET A 426 9.80 14.09 4.03
CA MET A 426 9.09 14.99 4.95
C MET A 426 7.67 15.39 4.54
N ILE A 427 7.34 15.39 3.25
CA ILE A 427 6.08 16.00 2.83
C ILE A 427 4.90 15.24 3.42
N HIS A 428 3.91 16.00 3.92
CA HIS A 428 2.60 15.46 4.36
C HIS A 428 2.60 14.90 5.77
N HIS A 429 3.60 14.08 6.12
CA HIS A 429 3.56 13.39 7.41
C HIS A 429 4.89 13.45 8.13
N ASP A 430 5.82 14.30 7.68
CA ASP A 430 7.12 14.50 8.32
C ASP A 430 7.89 13.18 8.48
N VAL A 431 7.89 12.36 7.44
CA VAL A 431 8.63 11.10 7.42
C VAL A 431 9.86 11.27 6.55
N PRO A 432 11.07 11.08 7.08
CA PRO A 432 12.29 11.29 6.26
C PRO A 432 12.44 10.21 5.20
N ALA A 433 13.11 10.58 4.12
CA ALA A 433 13.37 9.62 3.04
C ALA A 433 14.27 8.50 3.54
N HIS A 434 14.03 7.28 3.04
CA HIS A 434 14.92 6.20 3.47
C HIS A 434 14.97 5.09 2.43
N ILE A 435 16.05 4.32 2.45
CA ILE A 435 16.12 3.08 1.69
C ILE A 435 16.25 1.93 2.68
N GLY A 436 16.12 0.72 2.18
CA GLY A 436 16.23 -0.43 3.07
C GLY A 436 16.24 -1.73 2.31
N ILE A 437 16.68 -2.77 3.03
CA ILE A 437 16.59 -4.15 2.58
C ILE A 437 15.95 -4.97 3.68
N ARG A 438 15.07 -5.89 3.30
CA ARG A 438 14.47 -6.82 4.24
C ARG A 438 14.74 -8.23 3.75
N THR A 439 15.45 -9.02 4.57
CA THR A 439 15.65 -10.43 4.29
C THR A 439 14.55 -11.22 5.00
N GLU A 440 14.72 -12.53 5.07
CA GLU A 440 13.78 -13.35 5.82
C GLU A 440 13.98 -13.20 7.32
N ASN A 441 15.14 -12.75 7.76
CA ASN A 441 15.45 -12.64 9.18
C ASN A 441 15.66 -11.21 9.68
N TYR A 442 16.17 -10.31 8.86
CA TYR A 442 16.55 -9.00 9.36
C TYR A 442 16.05 -7.93 8.41
N LYS A 443 15.88 -6.73 8.97
CA LYS A 443 15.55 -5.55 8.19
C LYS A 443 16.57 -4.47 8.51
N LEU A 444 17.19 -3.91 7.47
CA LEU A 444 18.10 -2.78 7.63
C LEU A 444 17.52 -1.58 6.90
N ILE A 445 17.30 -0.50 7.64
CA ILE A 445 16.80 0.77 7.12
C ILE A 445 17.94 1.77 7.20
N LEU A 446 18.10 2.57 6.15
CA LEU A 446 19.05 3.68 6.12
C LEU A 446 18.23 4.93 5.88
N PHE A 447 18.08 5.74 6.92
CA PHE A 447 17.45 7.03 6.79
C PHE A 447 18.50 8.00 6.26
N TYR A 448 18.28 8.50 5.04
CA TYR A 448 19.24 9.44 4.45
C TYR A 448 18.76 10.88 4.53
N GLY A 449 17.47 11.10 4.79
CA GLY A 449 17.02 12.43 5.18
C GLY A 449 17.19 13.54 4.17
N ARG A 450 17.07 13.23 2.88
CA ARG A 450 17.20 14.24 1.84
C ARG A 450 16.05 14.13 0.86
N HIS A 451 15.73 15.25 0.22
CA HIS A 451 14.77 15.28 -0.88
C HIS A 451 15.51 15.34 -2.21
N TYR A 452 15.00 14.61 -3.20
CA TYR A 452 15.65 14.54 -4.51
C TYR A 452 15.50 15.82 -5.32
N ASP A 453 14.66 16.76 -4.91
CA ASP A 453 14.50 18.00 -5.67
C ASP A 453 14.81 19.12 -4.68
N ASP A 454 16.04 19.66 -4.72
CA ASP A 454 16.45 20.52 -3.62
C ASP A 454 15.77 21.88 -3.65
N LYS A 455 14.88 22.11 -4.62
CA LYS A 455 14.02 23.29 -4.56
C LYS A 455 13.08 23.19 -3.36
N ARG A 456 12.76 21.96 -2.95
CA ARG A 456 11.73 21.73 -1.94
C ARG A 456 12.19 22.19 -0.57
N TYR A 457 13.51 22.17 -0.29
CA TYR A 457 14.02 22.57 1.01
C TYR A 457 13.53 23.96 1.35
N GLY A 458 13.00 24.13 2.57
CA GLY A 458 12.40 25.38 2.98
C GLY A 458 10.90 25.50 2.75
N GLN A 459 10.32 24.70 1.86
CA GLN A 459 8.87 24.75 1.72
C GLN A 459 8.19 23.96 2.85
N LYS A 460 6.90 24.22 3.03
CA LYS A 460 6.15 23.58 4.11
C LYS A 460 5.94 22.11 3.80
N SER A 461 6.09 21.25 4.82
CA SER A 461 5.78 19.84 4.60
C SER A 461 4.28 19.64 4.43
N MET A 462 3.48 20.44 5.13
CA MET A 462 2.01 20.37 5.08
C MET A 462 1.52 21.76 4.68
N SER A 463 1.33 21.95 3.38
CA SER A 463 1.19 23.30 2.86
C SER A 463 -0.15 23.94 3.17
N TRP A 464 -1.13 23.19 3.66
CA TRP A 464 -2.38 23.79 4.10
C TRP A 464 -2.32 24.34 5.52
N LEU A 465 -1.17 24.27 6.21
CA LEU A 465 -1.09 24.67 7.61
C LEU A 465 -0.14 25.84 7.77
N LYS A 466 -0.65 26.95 8.30
CA LYS A 466 0.16 28.15 8.46
C LYS A 466 1.45 27.86 9.22
N ASN A 467 1.41 26.94 10.20
CA ASN A 467 2.55 26.67 11.06
C ASN A 467 3.17 25.31 10.77
N SER A 468 3.13 24.88 9.52
CA SER A 468 3.74 23.61 9.15
C SER A 468 5.24 23.63 9.42
N HIS A 469 5.79 22.46 9.75
CA HIS A 469 7.22 22.26 9.63
C HIS A 469 7.66 22.47 8.19
N LYS A 470 8.96 22.69 8.02
CA LYS A 470 9.56 22.90 6.72
C LYS A 470 10.35 21.67 6.30
N ILE A 471 10.43 21.46 4.99
CA ILE A 471 11.25 20.38 4.45
C ILE A 471 12.72 20.75 4.63
N VAL A 472 13.39 20.04 5.52
CA VAL A 472 14.81 20.25 5.80
C VAL A 472 15.50 18.89 5.80
N PRO A 473 16.80 18.87 5.55
CA PRO A 473 17.54 17.62 5.72
C PRO A 473 17.50 17.17 7.17
N THR A 474 17.32 15.88 7.36
CA THR A 474 17.30 15.28 8.69
C THR A 474 18.55 14.43 8.87
N LEU A 475 18.67 13.78 10.02
CA LEU A 475 19.90 13.08 10.35
C LEU A 475 20.01 11.74 9.61
N VAL A 476 21.24 11.33 9.33
CA VAL A 476 21.49 10.07 8.64
C VAL A 476 21.67 8.98 9.68
N SER A 477 20.99 7.84 9.52
CA SER A 477 21.19 6.80 10.54
C SER A 477 20.73 5.45 10.02
N PHE A 478 21.14 4.40 10.71
CA PHE A 478 20.72 3.04 10.41
C PHE A 478 19.80 2.50 11.51
N GLU A 479 18.80 1.71 11.11
CA GLU A 479 18.00 0.90 12.02
C GLU A 479 18.04 -0.56 11.58
N LEU A 480 18.22 -1.46 12.53
CA LEU A 480 18.35 -2.89 12.28
C LEU A 480 17.35 -3.60 13.18
N TYR A 481 16.48 -4.40 12.58
CA TYR A 481 15.49 -5.16 13.32
C TYR A 481 15.64 -6.64 12.99
N ASP A 482 15.54 -7.46 14.02
CA ASP A 482 15.36 -8.89 13.85
C ASP A 482 13.87 -9.10 13.68
N VAL A 483 13.43 -9.29 12.44
CA VAL A 483 11.98 -9.41 12.20
C VAL A 483 11.47 -10.81 12.50
N LYS A 484 12.36 -11.79 12.69
CA LYS A 484 11.90 -13.10 13.12
C LYS A 484 11.59 -13.11 14.62
N ASN A 485 12.50 -12.59 15.43
CA ASN A 485 12.33 -12.60 16.88
C ASN A 485 11.69 -11.34 17.43
N ASP A 486 11.66 -10.26 16.65
CA ASP A 486 11.08 -8.99 17.06
C ASP A 486 10.15 -8.52 15.96
N PRO A 487 9.10 -9.30 15.64
CA PRO A 487 8.23 -8.96 14.49
C PRO A 487 7.62 -7.58 14.57
N TYR A 488 7.43 -7.02 15.77
CA TYR A 488 6.87 -5.69 15.95
C TYR A 488 7.92 -4.60 15.88
N GLU A 489 9.18 -4.95 15.59
CA GLU A 489 10.26 -3.98 15.42
C GLU A 489 10.34 -3.04 16.62
N MET A 490 10.35 -3.63 17.81
CA MET A 490 10.50 -2.86 19.05
C MET A 490 11.94 -2.41 19.31
N VAL A 491 12.94 -3.18 18.87
CA VAL A 491 14.31 -3.02 19.36
C VAL A 491 15.24 -2.76 18.20
N ASN A 492 15.63 -1.49 18.00
CA ASN A 492 16.69 -1.21 17.03
C ASN A 492 18.00 -1.78 17.55
N LEU A 493 18.64 -2.63 16.74
CA LEU A 493 19.87 -3.34 17.12
C LEU A 493 21.14 -2.71 16.54
N ALA A 494 21.01 -1.62 15.78
CA ALA A 494 22.15 -1.15 14.99
C ALA A 494 23.36 -0.79 15.86
N ASP A 495 23.14 -0.36 17.11
CA ASP A 495 24.22 0.08 17.98
C ASP A 495 24.55 -0.93 19.07
N ASN A 496 24.01 -2.13 18.99
CA ASN A 496 24.36 -3.19 19.92
C ASN A 496 25.62 -3.90 19.43
N PRO A 497 26.75 -3.77 20.12
CA PRO A 497 27.98 -4.40 19.62
C PRO A 497 27.78 -5.85 19.26
N LYS A 498 26.85 -6.54 19.95
CA LYS A 498 26.58 -7.94 19.65
C LYS A 498 26.09 -8.15 18.22
N TYR A 499 25.68 -7.09 17.54
CA TYR A 499 25.17 -7.22 16.17
C TYR A 499 26.09 -6.57 15.14
N ALA A 500 27.33 -6.22 15.52
CA ALA A 500 28.19 -5.49 14.58
C ALA A 500 28.37 -6.26 13.27
N LYS A 501 28.66 -7.55 13.35
CA LYS A 501 28.86 -8.33 12.14
C LYS A 501 27.57 -8.35 11.32
N VAL A 502 26.43 -8.58 11.99
CA VAL A 502 25.15 -8.56 11.30
C VAL A 502 24.97 -7.21 10.61
N LEU A 503 25.25 -6.12 11.33
CA LEU A 503 25.13 -4.82 10.71
C LEU A 503 25.99 -4.78 9.46
N LYS A 504 27.26 -5.18 9.59
CA LYS A 504 28.19 -5.16 8.47
C LYS A 504 27.62 -5.97 7.30
N ASP A 505 27.17 -7.20 7.59
CA ASP A 505 26.65 -8.04 6.51
C ASP A 505 25.46 -7.33 5.85
N MET A 506 24.52 -6.83 6.67
CA MET A 506 23.34 -6.25 6.08
C MET A 506 23.68 -5.00 5.29
N LYS A 507 24.68 -4.23 5.74
CA LYS A 507 25.07 -3.08 4.95
C LYS A 507 25.57 -3.54 3.58
N LYS A 508 26.43 -4.55 3.56
CA LYS A 508 26.90 -5.09 2.30
C LYS A 508 25.73 -5.43 1.41
N LYS A 509 24.73 -6.14 1.98
CA LYS A 509 23.61 -6.56 1.15
C LYS A 509 22.85 -5.36 0.64
N LEU A 510 22.56 -4.41 1.52
CA LEU A 510 21.83 -3.23 1.06
C LEU A 510 22.55 -2.62 -0.11
N ARG A 511 23.88 -2.45 0.04
CA ARG A 511 24.66 -1.79 -1.00
C ARG A 511 24.59 -2.58 -2.30
N GLU A 512 24.71 -3.90 -2.20
CA GLU A 512 24.67 -4.72 -3.40
C GLU A 512 23.28 -4.69 -4.03
N LEU A 513 22.24 -4.72 -3.20
CA LEU A 513 20.90 -4.78 -3.76
C LEU A 513 20.59 -3.48 -4.50
N ARG A 514 20.86 -2.34 -3.85
CA ARG A 514 20.80 -1.05 -4.51
C ARG A 514 21.44 -1.10 -5.89
N LYS A 515 22.60 -1.78 -6.03
CA LYS A 515 23.24 -1.84 -7.33
C LYS A 515 22.48 -2.75 -8.27
N GLN A 516 22.10 -3.95 -7.80
CA GLN A 516 21.41 -4.89 -8.68
C GLN A 516 20.17 -4.26 -9.30
N VAL A 517 19.48 -3.40 -8.56
CA VAL A 517 18.24 -2.80 -9.07
C VAL A 517 18.50 -1.49 -9.78
N GLY A 518 19.75 -1.04 -9.86
CA GLY A 518 20.06 0.19 -10.58
C GLY A 518 19.57 1.46 -9.91
N ASP A 519 19.37 1.44 -8.61
CA ASP A 519 18.92 2.64 -7.89
C ASP A 519 20.12 3.39 -7.29
N THR A 520 21.04 3.82 -8.14
CA THR A 520 22.35 4.27 -7.70
C THR A 520 22.51 5.79 -7.72
N ASP A 521 21.44 6.53 -7.98
CA ASP A 521 21.38 7.97 -7.71
C ASP A 521 22.32 8.81 -8.56
N GLU A 522 22.72 8.33 -9.73
CA GLU A 522 23.56 9.16 -10.60
C GLU A 522 22.89 10.50 -10.91
N ALA A 523 21.56 10.51 -11.05
CA ALA A 523 20.89 11.75 -11.40
C ALA A 523 20.65 12.66 -10.20
N TYR A 524 20.93 12.21 -8.98
CA TYR A 524 20.76 13.04 -7.78
C TYR A 524 22.06 12.96 -6.98
N PRO A 525 23.08 13.72 -7.39
CA PRO A 525 24.41 13.58 -6.74
C PRO A 525 24.42 13.88 -5.25
N GLU A 526 23.59 14.81 -4.76
CA GLU A 526 23.51 15.04 -3.32
C GLU A 526 23.13 13.75 -2.59
N LEU A 527 22.07 13.11 -3.06
CA LEU A 527 21.63 11.86 -2.48
C LEU A 527 22.69 10.78 -2.66
N LYS A 528 23.35 10.76 -3.82
CA LYS A 528 24.34 9.72 -4.06
C LYS A 528 25.49 9.85 -3.07
N LYS A 529 25.98 11.07 -2.86
CA LYS A 529 27.05 11.29 -1.89
C LYS A 529 26.64 10.81 -0.52
N VAL A 530 25.46 11.23 -0.05
CA VAL A 530 25.03 10.87 1.31
C VAL A 530 24.88 9.36 1.47
N ILE A 531 24.17 8.72 0.54
CA ILE A 531 23.90 7.29 0.68
C ILE A 531 25.18 6.47 0.51
N ASP A 532 26.04 6.86 -0.45
CA ASP A 532 27.28 6.12 -0.63
C ASP A 532 28.17 6.24 0.59
N LYS A 533 28.30 7.46 1.14
CA LYS A 533 29.07 7.62 2.36
C LYS A 533 28.54 6.72 3.46
N ALA A 534 27.22 6.77 3.69
CA ALA A 534 26.65 5.97 4.78
C ALA A 534 26.95 4.49 4.61
N LEU A 535 26.98 4.00 3.37
CA LEU A 535 27.16 2.57 3.15
C LEU A 535 28.64 2.18 3.14
N ARG A 536 29.40 2.80 4.03
CA ARG A 536 30.84 2.57 4.26
C ARG A 536 31.71 3.09 3.13
C1 GAL B . -6.92 24.86 -3.45
C2 GAL B . -6.08 23.59 -3.20
C3 GAL B . -6.75 22.47 -2.35
C4 GAL B . -7.31 23.14 -1.10
C5 GAL B . -8.33 24.14 -1.67
C6 GAL B . -9.31 24.63 -0.63
O1 GAL B . -6.02 25.88 -3.88
O2 GAL B . -5.56 23.11 -4.45
O3 GAL B . -5.64 21.59 -2.20
O4 GAL B . -6.35 23.84 -0.31
O5 GAL B . -7.62 25.24 -2.27
O6 GAL B . -10.11 23.51 -0.24
H1 GAL B . -7.61 24.67 -4.14
H2 GAL B . -5.35 23.88 -2.61
H3 GAL B . -7.52 21.97 -2.71
H4 GAL B . -7.68 22.46 -0.49
H5 GAL B . -8.87 23.67 -2.37
H61 GAL B . -9.88 25.35 -0.99
H62 GAL B . -8.82 24.99 0.15
HO1 GAL B . -5.49 25.58 -4.47
HO2 GAL B . -4.89 22.62 -4.29
HO4 GAL B . -5.65 23.39 -0.26
HO6 GAL B . -10.25 23.02 -0.91
O1S L6S B . 0.75 18.06 -2.18
O2S L6S B . 0.19 18.53 0.02
O3S L6S B . 1.03 20.44 -1.41
C1 L6S B . -5.92 20.50 -1.31
C2 L6S B . -6.44 19.28 -2.04
C3 L6S B . -5.41 18.67 -3.00
C4 L6S B . -4.07 18.55 -2.26
C5 L6S B . -3.65 19.85 -1.58
C6 L6S B . -2.31 19.72 -0.85
O2 L6S B . -7.67 19.57 -2.74
O3 L6S B . -5.94 17.42 -3.44
O4 L6S B . -4.24 17.55 -1.26
O5 L6S B . -4.66 20.26 -0.65
O6 L6S B . -1.29 19.34 -1.77
S1 L6S B . 0.16 19.06 -1.32
H1 L6S B . -6.66 20.68 -0.68
H2 L6S B . -6.63 18.61 -1.34
H3 L6S B . -5.24 19.24 -3.80
H4 L6S B . -3.37 18.33 -2.92
H5 L6S B . -3.52 20.53 -2.28
H61 L6S B . -2.39 19.03 -0.14
H62 L6S B . -2.07 20.57 -0.42
HO2 L6S B . -7.50 20.02 -3.43
HO3 L6S B . -5.88 16.85 -2.82
C1 GAL B . -3.33 16.44 -1.39
C2 GAL B . -3.44 15.77 -0.02
C3 GAL B . -2.69 14.45 0.14
C4 GAL B . -3.16 13.52 -0.98
C5 GAL B . -2.91 14.24 -2.30
C6 GAL B . -3.34 13.58 -3.61
O2 GAL B . -3.10 16.65 1.05
O3 GAL B . -2.92 13.94 1.45
O4 GAL B . -4.52 13.16 -1.00
O5 GAL B . -3.65 15.48 -2.37
O6 GAL B . -2.55 12.41 -3.86
H1 GAL B . -2.43 16.77 -1.63
H2 GAL B . -4.40 15.55 0.03
H3 GAL B . -1.71 14.56 0.06
H4 GAL B . -2.66 12.68 -0.83
H5 GAL B . -1.93 14.31 -2.27
H61 GAL B . -3.22 14.22 -4.36
H62 GAL B . -4.29 13.32 -3.57
HO2 GAL B . -2.37 17.04 0.87
HO4 GAL B . -4.99 13.84 -1.09
HO6 GAL B . -2.77 11.83 -3.29
O1S L6S B . -3.21 6.61 -0.17
O2S L6S B . -1.12 7.50 -0.70
O3S L6S B . -3.11 8.53 -1.84
C1 L6S B . -1.66 13.43 1.94
C2 L6S B . -1.84 13.05 3.40
C3 L6S B . -2.92 12.01 3.62
C4 L6S B . -2.47 10.81 2.81
C5 L6S B . -2.24 11.24 1.37
C6 L6S B . -1.81 10.07 0.47
O2 L6S B . -2.05 14.24 4.14
O3 L6S B . -3.02 11.75 5.02
O4 L6S B . -1.28 10.29 3.34
O5 L6S B . -1.26 12.27 1.21
O6 L6S B . -2.58 8.86 0.65
S1 L6S B . -2.52 7.83 -0.51
H1 L6S B . -0.96 14.11 1.87
H2 L6S B . -1.00 12.61 3.72
H3 L6S B . -3.82 12.30 3.34
H4 L6S B . -3.16 10.11 2.84
H5 L6S B . -3.12 11.60 1.08
H61 L6S B . -0.87 9.86 0.67
H62 L6S B . -1.88 10.34 -0.46
HO2 L6S B . -2.85 14.27 4.41
HO3 L6S B . -2.52 11.12 5.22
HO4 L6S B . -1.38 9.48 3.54
C1 PEG C . -15.79 -16.98 -1.40
O1 PEG C . -16.12 -18.32 -1.05
C2 PEG C . -16.37 -15.99 -0.45
O2 PEG C . -17.54 -15.42 -1.00
C3 PEG C . -18.62 -15.33 -0.07
C4 PEG C . -19.72 -14.47 -0.60
O4 PEG C . -20.30 -15.05 -1.76
H11 PEG C . -16.15 -16.80 -2.28
H12 PEG C . -14.83 -16.89 -1.42
HO1 PEG C . -15.45 -18.83 -0.96
H21 PEG C . -15.72 -15.29 -0.29
H22 PEG C . -16.59 -16.43 0.39
H31 PEG C . -18.28 -14.95 0.76
H32 PEG C . -18.96 -16.22 0.11
H41 PEG C . -19.37 -13.60 -0.82
H42 PEG C . -20.41 -14.38 0.08
HO4 PEG C . -19.73 -15.27 -2.36
C1 PEG D . -9.44 -8.84 -29.11
O1 PEG D . -10.45 -9.52 -29.85
C2 PEG D . -10.01 -8.24 -27.86
O2 PEG D . -10.02 -6.83 -27.99
C3 PEG D . -10.88 -6.19 -27.05
C4 PEG D . -12.32 -6.38 -27.43
O4 PEG D . -13.10 -5.25 -27.12
H11 PEG D . -9.07 -8.13 -29.66
H12 PEG D . -8.75 -9.48 -28.87
HO1 PEG D . -10.86 -9.02 -30.40
H21 PEG D . -9.45 -8.48 -27.10
H22 PEG D . -10.90 -8.56 -27.72
H31 PEG D . -10.68 -5.23 -27.03
H32 PEG D . -10.73 -6.57 -26.17
H41 PEG D . -12.68 -7.15 -26.95
H42 PEG D . -12.37 -6.55 -28.39
HO4 PEG D . -13.66 -5.02 -27.72
C1 EDO E . -9.38 4.39 -25.36
O1 EDO E . -8.48 5.33 -25.94
C2 EDO E . -9.89 4.96 -24.03
O2 EDO E . -10.72 3.99 -23.41
H11 EDO E . -8.88 3.44 -25.18
H12 EDO E . -10.22 4.20 -26.03
HO1 EDO E . -7.79 4.85 -26.43
H21 EDO E . -10.44 5.88 -24.21
H22 EDO E . -9.03 5.20 -23.39
HO2 EDO E . -10.59 4.01 -22.45
C1 EDO F . 24.04 -12.86 18.62
O1 EDO F . 22.95 -12.99 19.55
C2 EDO F . 23.48 -12.73 17.21
O2 EDO F . 24.51 -13.01 16.27
H11 EDO F . 24.68 -13.75 18.68
H12 EDO F . 24.64 -11.99 18.87
HO1 EDO F . 23.23 -12.65 20.41
H21 EDO F . 23.10 -11.71 17.06
H22 EDO F . 22.65 -13.42 17.07
HO2 EDO F . 24.12 -13.11 15.39
C1 EDO G . 17.07 -14.08 13.86
O1 EDO G . 16.18 -13.61 12.85
C2 EDO G . 17.69 -15.40 13.45
O2 EDO G . 18.63 -15.13 12.41
H11 EDO G . 16.53 -14.21 14.80
H12 EDO G . 17.86 -13.34 14.02
HO1 EDO G . 16.59 -13.72 11.98
H21 EDO G . 16.93 -16.09 13.09
H22 EDO G . 18.19 -15.86 14.30
HO2 EDO G . 19.38 -15.74 12.47
O1 PG4 H . -26.79 7.32 -12.00
C1 PG4 H . -26.02 8.20 -12.83
C2 PG4 H . -25.91 7.67 -14.23
O2 PG4 H . -24.58 7.23 -14.49
C3 PG4 H . -24.52 5.90 -15.01
C4 PG4 H . -23.34 5.17 -14.45
O3 PG4 H . -23.14 3.92 -15.10
C5 PG4 H . -23.86 2.92 -14.40
C6 PG4 H . -23.09 2.38 -13.23
O4 PG4 H . -23.91 1.58 -12.37
C7 PG4 H . -24.42 2.42 -11.34
C8 PG4 H . -25.80 1.96 -10.94
O5 PG4 H . -26.65 3.05 -10.63
HO1 PG4 H . -26.89 6.59 -12.44
H11 PG4 H . -25.13 8.28 -12.45
H12 PG4 H . -26.46 9.06 -12.86
H21 PG4 H . -26.14 8.38 -14.86
H22 PG4 H . -26.52 6.92 -14.35
H31 PG4 H . -24.46 5.93 -15.97
H32 PG4 H . -25.34 5.43 -14.76
H41 PG4 H . -22.56 5.72 -14.56
H42 PG4 H . -23.49 5.01 -13.50
H51 PG4 H . -24.05 2.18 -15.00
H52 PG4 H . -24.69 3.29 -14.07
H61 PG4 H . -22.74 3.13 -12.71
H62 PG4 H . -22.36 1.84 -13.56
H71 PG4 H . -24.47 3.33 -11.65
H72 PG4 H . -23.83 2.38 -10.57
H81 PG4 H . -25.73 1.38 -10.15
H82 PG4 H . -26.18 1.45 -11.67
HO5 PG4 H . -26.63 3.59 -11.30
C1 PGE I . -2.17 -11.18 19.00
O1 PGE I . -2.95 -12.28 18.50
C2 PGE I . -2.67 -10.76 20.38
O2 PGE I . -2.08 -9.51 20.74
C3 PGE I . -0.66 -9.53 20.88
C4 PGE I . -0.04 -8.77 19.74
O4 PGE I . 1.73 -5.20 21.70
C6 PGE I . 1.01 -6.41 21.48
C5 PGE I . 0.68 -6.53 19.99
O3 PGE I . -0.42 -7.40 19.83
H1 PGE I . -2.23 -10.32 18.33
H12 PGE I . -1.10 -11.46 19.10
HO1 PGE I . -3.40 -12.69 19.25
H2 PGE I . -2.41 -11.54 21.11
H22 PGE I . -3.77 -10.67 20.34
H3 PGE I . -0.29 -10.57 20.87
H32 PGE I . -0.36 -9.08 21.83
H4 PGE I . -0.36 -9.20 18.78
H42 PGE I . 1.06 -8.86 19.80
HO4 PGE I . 2.13 -4.92 20.86
H6 PGE I . 0.08 -6.44 22.05
H62 PGE I . 1.62 -7.29 21.77
H5 PGE I . 1.56 -6.90 19.45
H52 PGE I . 0.44 -5.52 19.61
C1 EDO J . 19.87 -10.24 -2.46
O1 EDO J . 19.44 -10.90 -3.68
C2 EDO J . 21.40 -10.26 -2.35
O2 EDO J . 21.86 -8.97 -2.77
H11 EDO J . 19.43 -10.73 -1.59
H12 EDO J . 19.51 -9.21 -2.47
HO1 EDO J . 19.89 -10.52 -4.43
H21 EDO J . 21.81 -11.04 -2.98
H22 EDO J . 21.70 -10.46 -1.33
HO2 EDO J . 21.41 -8.70 -3.58
NA NA K . -3.24 4.23 -0.21
#